data_4AZ4
#
_entry.id   4AZ4
#
_cell.length_a   54.631
_cell.length_b   54.631
_cell.length_c   229.416
_cell.angle_alpha   90.00
_cell.angle_beta   90.00
_cell.angle_gamma   120.00
#
_symmetry.space_group_name_H-M   'P 61 2 2'
#
loop_
_entity.id
_entity.type
_entity.pdbx_description
1 polymer 'PEPTIDE DEFORMYLASE'
2 non-polymer 'COBALT (II) ION'
3 non-polymer 'HYDROSULFURIC ACID'
4 water water
#
_entity_poly.entity_id   1
_entity_poly.type   'polypeptide(L)'
_entity_poly.pdbx_seq_one_letter_code
;SVLQVLHIPDERLRKVAKPVEEVNAEIQRIVDDMFETMYAEEGIGLAATQVDIHQRIIVIDVSENRDERLVLINPELLEK
SGETGIEEGCLSIPEQRALVPRAEKVKIRALDRDGKPFELEADGLLAI(CSO)IQHEMDHLVGKLFMDYLSPLKQQRIRQ
KVEKLDRLKARASSSVDKLAAALEHHHHHH
;
_entity_poly.pdbx_strand_id   A
#
loop_
_chem_comp.id
_chem_comp.type
_chem_comp.name
_chem_comp.formula
CO non-polymer 'COBALT (II) ION' 'Co 2'
H2S non-polymer 'HYDROSULFURIC ACID' 'H2 S'
#
# COMPACT_ATOMS: atom_id res chain seq x y z
N SER A 1 16.63 -4.20 -7.35
CA SER A 1 16.52 -3.09 -8.34
C SER A 1 15.21 -2.33 -8.20
N VAL A 2 15.14 -1.17 -8.85
CA VAL A 2 13.95 -0.33 -8.81
C VAL A 2 12.95 -0.84 -9.84
N LEU A 3 11.72 -1.11 -9.39
CA LEU A 3 10.68 -1.66 -10.24
C LEU A 3 9.78 -0.56 -10.80
N GLN A 4 9.01 -0.92 -11.82
CA GLN A 4 8.07 0.01 -12.42
C GLN A 4 6.77 0.00 -11.65
N VAL A 5 6.31 1.19 -11.29
CA VAL A 5 5.04 1.33 -10.58
C VAL A 5 3.91 1.64 -11.57
N LEU A 6 2.89 0.80 -11.59
CA LEU A 6 1.73 0.99 -12.47
C LEU A 6 0.91 2.20 -12.05
N HIS A 7 0.36 2.89 -13.05
CA HIS A 7 -0.47 4.05 -12.85
C HIS A 7 -1.85 3.80 -13.37
N ILE A 8 -2.84 4.45 -12.76
CA ILE A 8 -4.20 4.46 -13.32
C ILE A 8 -4.13 5.17 -14.67
N PRO A 9 -4.88 4.69 -15.69
CA PRO A 9 -5.79 3.55 -15.73
C PRO A 9 -5.10 2.32 -16.27
N ASP A 10 -4.81 1.39 -15.37
CA ASP A 10 -4.21 0.12 -15.70
C ASP A 10 -5.01 -0.90 -14.89
N GLU A 11 -5.65 -1.84 -15.58
CA GLU A 11 -6.57 -2.78 -14.94
C GLU A 11 -5.87 -3.77 -14.01
N ARG A 12 -4.56 -3.95 -14.15
CA ARG A 12 -3.82 -4.82 -13.26
C ARG A 12 -3.79 -4.26 -11.82
N LEU A 13 -3.99 -2.96 -11.68
CA LEU A 13 -4.18 -2.34 -10.36
C LEU A 13 -5.42 -2.85 -9.63
N ARG A 14 -6.40 -3.35 -10.37
CA ARG A 14 -7.61 -3.94 -9.80
C ARG A 14 -7.49 -5.42 -9.47
N LYS A 15 -6.32 -6.03 -9.73
CA LYS A 15 -6.15 -7.46 -9.47
C LYS A 15 -6.08 -7.76 -7.96
N VAL A 16 -6.69 -8.86 -7.56
CA VAL A 16 -6.64 -9.36 -6.18
C VAL A 16 -5.43 -10.28 -6.03
N ALA A 17 -4.54 -9.95 -5.08
CA ALA A 17 -3.29 -10.69 -4.83
C ALA A 17 -3.53 -12.03 -4.16
N LYS A 18 -2.72 -13.02 -4.52
CA LYS A 18 -2.73 -14.31 -3.85
C LYS A 18 -1.89 -14.23 -2.59
N PRO A 19 -2.23 -15.03 -1.58
CA PRO A 19 -1.31 -15.15 -0.45
C PRO A 19 0.07 -15.65 -0.86
N VAL A 20 1.10 -15.22 -0.14
CA VAL A 20 2.45 -15.79 -0.29
C VAL A 20 2.45 -17.18 0.34
N GLU A 21 3.02 -18.15 -0.35
CA GLU A 21 2.99 -19.52 0.15
C GLU A 21 4.12 -19.79 1.15
N GLU A 22 5.33 -19.38 0.81
CA GLU A 22 6.46 -19.49 1.74
C GLU A 22 7.39 -18.31 1.54
N VAL A 23 7.89 -17.76 2.65
CA VAL A 23 8.82 -16.65 2.62
C VAL A 23 10.24 -17.21 2.43
N ASN A 24 10.65 -17.33 1.17
CA ASN A 24 11.95 -17.86 0.78
C ASN A 24 12.80 -16.70 0.25
N ALA A 25 14.00 -17.02 -0.25
CA ALA A 25 14.91 -16.02 -0.81
C ALA A 25 14.26 -15.12 -1.87
N GLU A 26 13.42 -15.70 -2.71
CA GLU A 26 12.75 -14.97 -3.79
C GLU A 26 11.75 -13.93 -3.24
N ILE A 27 11.00 -14.31 -2.21
CA ILE A 27 10.10 -13.38 -1.56
C ILE A 27 10.91 -12.21 -0.98
N GLN A 28 12.04 -12.53 -0.35
CA GLN A 28 12.86 -11.51 0.25
C GLN A 28 13.47 -10.55 -0.77
N ARG A 29 13.84 -11.06 -1.96
CA ARG A 29 14.25 -10.22 -3.09
C ARG A 29 13.18 -9.21 -3.50
N ILE A 30 11.93 -9.67 -3.57
CA ILE A 30 10.80 -8.83 -3.94
C ILE A 30 10.64 -7.74 -2.88
N VAL A 31 10.72 -8.14 -1.62
CA VAL A 31 10.64 -7.20 -0.51
C VAL A 31 11.72 -6.10 -0.65
N ASP A 32 12.95 -6.52 -0.88
CA ASP A 32 14.04 -5.56 -1.02
C ASP A 32 13.88 -4.63 -2.22
N ASP A 33 13.46 -5.17 -3.36
CA ASP A 33 13.18 -4.36 -4.55
C ASP A 33 12.03 -3.39 -4.29
N MET A 34 11.04 -3.84 -3.52
CA MET A 34 9.92 -2.99 -3.17
C MET A 34 10.37 -1.79 -2.35
N PHE A 35 11.20 -2.00 -1.32
CA PHE A 35 11.74 -0.88 -0.57
C PHE A 35 12.52 0.07 -1.45
N GLU A 36 13.41 -0.49 -2.27
CA GLU A 36 14.22 0.34 -3.15
C GLU A 36 13.33 1.24 -4.03
N THR A 37 12.22 0.68 -4.51
CA THR A 37 11.29 1.37 -5.39
C THR A 37 10.51 2.44 -4.62
N MET A 38 10.06 2.07 -3.43
CA MET A 38 9.29 2.95 -2.59
C MET A 38 10.12 4.17 -2.24
N TYR A 39 11.33 3.94 -1.77
CA TYR A 39 12.24 5.03 -1.41
C TYR A 39 12.61 5.94 -2.60
N ALA A 40 12.90 5.33 -3.75
CA ALA A 40 13.19 6.11 -4.94
C ALA A 40 12.04 7.02 -5.38
N GLU A 41 10.81 6.57 -5.14
CA GLU A 41 9.60 7.38 -5.42
C GLU A 41 9.22 8.32 -4.27
N GLU A 42 10.00 8.32 -3.21
CA GLU A 42 9.77 9.13 -2.03
C GLU A 42 8.40 8.78 -1.43
N GLY A 43 8.11 7.48 -1.39
CA GLY A 43 6.87 6.96 -0.86
C GLY A 43 7.05 6.48 0.57
N ILE A 44 5.93 6.28 1.26
CA ILE A 44 5.96 5.70 2.62
C ILE A 44 5.35 4.32 2.66
N GLY A 45 4.74 3.87 1.56
CA GLY A 45 4.23 2.52 1.44
C GLY A 45 4.16 2.07 0.00
N LEU A 46 4.19 0.76 -0.21
CA LEU A 46 4.04 0.17 -1.54
C LEU A 46 3.51 -1.26 -1.39
N ALA A 47 2.54 -1.60 -2.25
CA ALA A 47 1.95 -2.92 -2.29
C ALA A 47 2.42 -3.63 -3.56
N ALA A 48 2.64 -4.92 -3.45
CA ALA A 48 3.15 -5.69 -4.57
C ALA A 48 2.31 -5.54 -5.83
N THR A 49 1.00 -5.51 -5.65
CA THR A 49 0.07 -5.24 -6.73
C THR A 49 0.48 -4.05 -7.58
N GLN A 50 1.07 -3.03 -6.96
CA GLN A 50 1.44 -1.81 -7.71
C GLN A 50 2.65 -1.98 -8.62
N VAL A 51 3.40 -3.06 -8.47
CA VAL A 51 4.56 -3.33 -9.33
C VAL A 51 4.33 -4.63 -10.09
N ASP A 52 3.06 -4.91 -10.37
CA ASP A 52 2.64 -6.07 -11.12
C ASP A 52 3.06 -7.40 -10.53
N ILE A 53 3.11 -7.49 -9.20
CA ILE A 53 3.40 -8.75 -8.52
C ILE A 53 2.18 -9.04 -7.65
N HIS A 54 1.49 -10.13 -7.95
CA HIS A 54 0.18 -10.31 -7.36
C HIS A 54 0.19 -11.28 -6.22
N GLN A 55 0.92 -10.85 -5.20
CA GLN A 55 1.11 -11.57 -3.97
C GLN A 55 0.91 -10.59 -2.82
N ARG A 56 0.47 -11.12 -1.70
CA ARG A 56 0.11 -10.29 -0.57
C ARG A 56 1.37 -9.83 0.17
N ILE A 57 2.03 -8.82 -0.41
CA ILE A 57 3.26 -8.25 0.14
C ILE A 57 3.16 -6.73 0.13
N ILE A 58 3.43 -6.13 1.29
CA ILE A 58 3.48 -4.72 1.50
C ILE A 58 4.77 -4.31 2.20
N VAL A 59 5.31 -3.16 1.79
CA VAL A 59 6.42 -2.55 2.52
C VAL A 59 6.01 -1.16 2.93
N ILE A 60 6.43 -0.76 4.12
CA ILE A 60 6.11 0.55 4.67
C ILE A 60 7.33 1.09 5.39
N ASP A 61 7.50 2.40 5.27
CA ASP A 61 8.42 3.17 6.14
C ASP A 61 7.91 4.59 6.29
N VAL A 62 7.31 4.87 7.45
CA VAL A 62 6.79 6.20 7.74
C VAL A 62 7.82 7.09 8.46
N SER A 63 9.07 6.64 8.64
CA SER A 63 10.12 7.41 9.29
C SER A 63 10.74 8.50 8.39
N GLU A 64 11.14 9.61 8.97
CA GLU A 64 11.81 10.68 8.18
C GLU A 64 13.14 10.19 7.62
N ASN A 65 13.87 9.48 8.44
CA ASN A 65 15.23 9.06 8.05
C ASN A 65 15.30 7.71 7.37
N ARG A 66 14.12 7.18 7.02
CA ARG A 66 14.03 6.03 6.15
C ARG A 66 14.77 4.85 6.73
N ASP A 67 14.57 4.61 8.03
CA ASP A 67 15.26 3.53 8.75
C ASP A 67 14.32 2.75 9.69
N GLU A 68 13.05 2.65 9.32
N GLU A 68 13.03 2.70 9.32
CA GLU A 68 12.10 1.89 10.11
CA GLU A 68 11.97 1.98 10.05
C GLU A 68 11.28 1.04 9.14
C GLU A 68 11.26 1.06 9.07
N ARG A 69 11.93 -0.01 8.63
CA ARG A 69 11.34 -0.88 7.61
C ARG A 69 10.26 -1.77 8.21
N LEU A 70 9.06 -1.69 7.70
CA LEU A 70 7.98 -2.55 8.12
C LEU A 70 7.56 -3.40 6.95
N VAL A 71 7.60 -4.72 7.15
CA VAL A 71 7.20 -5.63 6.09
C VAL A 71 5.95 -6.37 6.55
N LEU A 72 4.93 -6.39 5.70
CA LEU A 72 3.69 -7.06 5.98
C LEU A 72 3.45 -8.04 4.85
N ILE A 73 3.71 -9.33 5.15
CA ILE A 73 3.40 -10.40 4.24
C ILE A 73 2.14 -11.13 4.75
N ASN A 74 1.22 -11.42 3.84
CA ASN A 74 -0.10 -11.97 4.16
C ASN A 74 -0.76 -11.30 5.35
N PRO A 75 -0.90 -9.96 5.31
CA PRO A 75 -1.44 -9.21 6.44
C PRO A 75 -2.91 -9.57 6.69
N GLU A 76 -3.32 -9.58 7.94
CA GLU A 76 -4.66 -9.90 8.34
C GLU A 76 -5.15 -8.86 9.30
N LEU A 77 -6.30 -8.25 8.98
CA LEU A 77 -6.91 -7.29 9.86
C LEU A 77 -7.65 -8.01 10.97
N LEU A 78 -7.19 -7.87 12.20
CA LEU A 78 -7.85 -8.50 13.35
C LEU A 78 -8.97 -7.65 13.97
N GLU A 79 -8.72 -6.34 14.05
N GLU A 79 -8.75 -6.33 14.02
CA GLU A 79 -9.67 -5.38 14.59
CA GLU A 79 -9.78 -5.43 14.47
C GLU A 79 -9.41 -3.98 14.07
C GLU A 79 -9.42 -4.00 14.11
N LYS A 80 -10.42 -3.13 14.12
CA LYS A 80 -10.24 -1.73 13.83
C LYS A 80 -11.24 -0.93 14.63
N SER A 81 -10.95 0.34 14.87
CA SER A 81 -11.87 1.19 15.62
C SER A 81 -11.68 2.64 15.26
N GLY A 82 -12.70 3.46 15.52
CA GLY A 82 -12.61 4.88 15.29
C GLY A 82 -12.68 5.24 13.81
N GLU A 83 -12.72 6.53 13.52
CA GLU A 83 -12.71 7.03 12.16
C GLU A 83 -11.80 8.24 12.09
N THR A 84 -11.14 8.39 10.95
CA THR A 84 -10.25 9.53 10.73
C THR A 84 -10.10 9.71 9.23
N GLY A 85 -9.32 10.69 8.83
CA GLY A 85 -8.90 10.73 7.48
C GLY A 85 -7.93 11.88 7.27
N ILE A 86 -7.04 11.74 6.31
CA ILE A 86 -6.11 12.83 5.91
C ILE A 86 -6.18 12.89 4.39
N GLU A 87 -5.53 13.87 3.79
CA GLU A 87 -5.42 13.94 2.35
C GLU A 87 -4.34 12.97 1.88
N GLU A 88 -4.79 11.82 1.40
CA GLU A 88 -3.93 10.78 0.95
C GLU A 88 -3.41 10.97 -0.47
N GLY A 89 -2.15 10.60 -0.69
CA GLY A 89 -1.62 10.41 -2.01
C GLY A 89 -1.37 8.95 -2.31
N CYS A 90 -0.98 8.66 -3.54
CA CYS A 90 -0.72 7.29 -3.99
C CYS A 90 0.22 7.34 -5.17
N LEU A 91 1.24 6.48 -5.12
CA LEU A 91 2.24 6.38 -6.18
C LEU A 91 1.61 5.99 -7.53
N SER A 92 0.44 5.34 -7.50
CA SER A 92 -0.26 4.94 -8.73
C SER A 92 -1.26 5.98 -9.21
N ILE A 93 -1.43 7.04 -8.44
CA ILE A 93 -2.28 8.16 -8.83
C ILE A 93 -1.48 9.46 -8.67
N PRO A 94 -0.49 9.69 -9.54
CA PRO A 94 0.45 10.79 -9.29
C PRO A 94 -0.13 12.21 -9.17
N GLU A 95 0.38 12.96 -8.19
CA GLU A 95 0.03 14.37 -7.93
C GLU A 95 -1.41 14.61 -7.50
N GLN A 96 -2.17 13.55 -7.19
CA GLN A 96 -3.56 13.72 -6.78
C GLN A 96 -3.66 13.34 -5.32
N ARG A 97 -4.36 14.15 -4.54
CA ARG A 97 -4.59 13.86 -3.13
C ARG A 97 -6.04 14.13 -2.73
N ALA A 98 -6.53 13.32 -1.81
CA ALA A 98 -7.88 13.51 -1.36
C ALA A 98 -8.07 12.90 0.00
N LEU A 99 -8.91 13.54 0.79
CA LEU A 99 -9.33 12.97 2.07
C LEU A 99 -10.25 11.75 1.86
N VAL A 100 -9.95 10.69 2.61
CA VAL A 100 -10.67 9.43 2.50
C VAL A 100 -10.99 8.91 3.93
N PRO A 101 -12.19 8.35 4.15
CA PRO A 101 -12.45 7.79 5.49
C PRO A 101 -11.66 6.54 5.78
N ARG A 102 -11.10 6.45 6.97
CA ARG A 102 -10.31 5.31 7.40
C ARG A 102 -10.59 5.04 8.87
N ALA A 103 -10.29 3.82 9.31
CA ALA A 103 -10.27 3.57 10.74
C ALA A 103 -9.10 4.32 11.38
N GLU A 104 -9.31 4.79 12.61
CA GLU A 104 -8.25 5.47 13.35
C GLU A 104 -7.22 4.48 13.91
N LYS A 105 -7.66 3.31 14.34
CA LYS A 105 -6.74 2.32 14.89
C LYS A 105 -6.97 1.01 14.21
N VAL A 106 -5.90 0.27 13.98
CA VAL A 106 -6.01 -1.06 13.44
C VAL A 106 -5.09 -2.01 14.23
N LYS A 107 -5.47 -3.28 14.29
CA LYS A 107 -4.59 -4.30 14.86
C LYS A 107 -4.46 -5.33 13.75
N ILE A 108 -3.22 -5.62 13.35
CA ILE A 108 -3.04 -6.55 12.27
C ILE A 108 -2.06 -7.67 12.68
N ARG A 109 -2.10 -8.76 11.93
N ARG A 109 -2.15 -8.80 11.97
CA ARG A 109 -1.10 -9.80 12.05
CA ARG A 109 -1.14 -9.85 12.02
C ARG A 109 -0.55 -10.07 10.66
C ARG A 109 -0.52 -9.98 10.66
N ALA A 110 0.74 -10.38 10.60
CA ALA A 110 1.44 -10.56 9.34
C ALA A 110 2.68 -11.39 9.56
N LEU A 111 3.32 -11.77 8.47
CA LEU A 111 4.68 -12.30 8.51
C LEU A 111 5.66 -11.20 8.15
N ASP A 112 6.81 -11.20 8.81
CA ASP A 112 7.89 -10.29 8.52
C ASP A 112 8.82 -10.84 7.42
N ARG A 113 9.92 -10.14 7.13
CA ARG A 113 10.79 -10.56 6.03
C ARG A 113 11.43 -11.92 6.28
N ASP A 114 11.55 -12.35 7.54
CA ASP A 114 12.07 -13.72 7.85
C ASP A 114 10.98 -14.81 7.87
N GLY A 115 9.72 -14.42 7.65
CA GLY A 115 8.58 -15.34 7.72
C GLY A 115 8.00 -15.47 9.12
N LYS A 116 8.47 -14.64 10.03
CA LYS A 116 8.06 -14.76 11.42
C LYS A 116 6.72 -14.02 11.59
N PRO A 117 5.71 -14.68 12.20
CA PRO A 117 4.47 -13.94 12.52
C PRO A 117 4.66 -12.90 13.60
N PHE A 118 3.92 -11.81 13.47
CA PHE A 118 3.92 -10.78 14.48
C PHE A 118 2.58 -10.06 14.44
N GLU A 119 2.30 -9.32 15.51
CA GLU A 119 1.12 -8.49 15.62
C GLU A 119 1.54 -7.06 15.83
N LEU A 120 0.71 -6.19 15.29
CA LEU A 120 0.99 -4.76 15.32
C LEU A 120 -0.32 -4.02 15.57
N GLU A 121 -0.33 -3.14 16.56
CA GLU A 121 -1.42 -2.20 16.82
C GLU A 121 -0.92 -0.82 16.39
N ALA A 122 -1.65 -0.17 15.49
CA ALA A 122 -1.19 1.08 14.91
C ALA A 122 -2.33 2.09 14.97
N ASP A 123 -1.97 3.35 15.09
CA ASP A 123 -2.92 4.44 15.01
C ASP A 123 -2.31 5.54 14.12
N GLY A 124 -2.99 6.66 14.02
CA GLY A 124 -2.43 7.77 13.27
C GLY A 124 -2.09 7.45 11.81
N LEU A 125 -1.02 8.09 11.35
CA LEU A 125 -0.57 7.95 10.00
C LEU A 125 -0.29 6.48 9.62
N LEU A 126 0.32 5.72 10.53
CA LEU A 126 0.69 4.35 10.24
C LEU A 126 -0.57 3.54 10.00
N ALA A 127 -1.60 3.73 10.81
CA ALA A 127 -2.87 3.00 10.61
C ALA A 127 -3.47 3.29 9.25
N ILE A 128 -3.43 4.56 8.85
CA ILE A 128 -3.98 4.98 7.58
C ILE A 128 -3.18 4.33 6.44
N CSO A 129 -1.85 4.35 6.53
CA CSO A 129 -1.00 3.77 5.47
CB CSO A 129 0.46 4.05 5.81
SG CSO A 129 1.61 3.50 4.56
C CSO A 129 -1.25 2.29 5.35
O CSO A 129 -1.39 1.76 4.24
OD CSO A 129 1.07 4.35 3.16
N ILE A 130 -1.33 1.58 6.49
CA ILE A 130 -1.69 0.15 6.48
C ILE A 130 -2.98 -0.18 5.73
N GLN A 131 -4.01 0.58 6.00
CA GLN A 131 -5.30 0.40 5.31
C GLN A 131 -5.20 0.68 3.80
N HIS A 132 -4.53 1.76 3.45
CA HIS A 132 -4.28 2.14 2.06
C HIS A 132 -3.55 1.03 1.31
N GLU A 133 -2.49 0.51 1.92
CA GLU A 133 -1.73 -0.59 1.31
C GLU A 133 -2.52 -1.92 1.25
N MET A 134 -3.24 -2.27 2.31
CA MET A 134 -4.08 -3.47 2.24
C MET A 134 -5.16 -3.35 1.16
N ASP A 135 -5.69 -2.13 0.95
CA ASP A 135 -6.65 -1.90 -0.12
C ASP A 135 -6.07 -2.27 -1.49
N HIS A 136 -4.82 -1.85 -1.74
CA HIS A 136 -4.14 -2.18 -2.98
C HIS A 136 -4.16 -3.65 -3.29
N LEU A 137 -3.99 -4.49 -2.26
CA LEU A 137 -3.89 -5.95 -2.45
C LEU A 137 -5.23 -6.59 -2.82
N VAL A 138 -6.33 -5.89 -2.52
CA VAL A 138 -7.65 -6.31 -3.02
C VAL A 138 -8.16 -5.43 -4.17
N GLY A 139 -7.24 -4.82 -4.92
CA GLY A 139 -7.59 -4.02 -6.09
C GLY A 139 -8.40 -2.76 -5.82
N LYS A 140 -8.24 -2.19 -4.64
CA LYS A 140 -8.94 -0.99 -4.23
C LYS A 140 -7.98 0.20 -4.15
N LEU A 141 -8.42 1.34 -4.64
CA LEU A 141 -7.64 2.57 -4.69
C LEU A 141 -8.36 3.65 -3.90
N PHE A 142 -7.63 4.67 -3.42
CA PHE A 142 -8.25 5.65 -2.52
C PHE A 142 -9.38 6.43 -3.21
N MET A 143 -9.26 6.62 -4.53
CA MET A 143 -10.26 7.35 -5.29
C MET A 143 -11.60 6.62 -5.32
N ASP A 144 -11.60 5.33 -4.99
CA ASP A 144 -12.84 4.54 -4.95
C ASP A 144 -13.81 4.99 -3.85
N TYR A 145 -13.32 5.73 -2.86
CA TYR A 145 -14.19 6.26 -1.78
C TYR A 145 -14.81 7.63 -2.11
N LEU A 146 -14.45 8.18 -3.27
CA LEU A 146 -14.86 9.54 -3.66
C LEU A 146 -16.06 9.44 -4.62
N SER A 147 -16.70 10.58 -4.84
CA SER A 147 -17.84 10.62 -5.77
C SER A 147 -17.40 10.26 -7.20
N PRO A 148 -18.31 9.66 -8.00
CA PRO A 148 -18.02 9.32 -9.39
C PRO A 148 -17.40 10.49 -10.19
N LEU A 149 -17.80 11.72 -9.86
CA LEU A 149 -17.28 12.91 -10.52
C LEU A 149 -15.85 13.20 -10.09
N LYS A 150 -15.57 13.08 -8.79
CA LYS A 150 -14.16 13.23 -8.33
C LYS A 150 -13.30 12.19 -9.03
N GLN A 151 -13.80 10.97 -9.10
CA GLN A 151 -13.03 9.90 -9.73
C GLN A 151 -12.71 10.23 -11.17
N GLN A 152 -13.69 10.81 -11.88
CA GLN A 152 -13.49 11.27 -13.23
C GLN A 152 -12.40 12.34 -13.36
N ARG A 153 -12.49 13.40 -12.56
CA ARG A 153 -11.49 14.47 -12.62
C ARG A 153 -10.10 13.92 -12.34
N ILE A 154 -10.01 12.99 -11.39
CA ILE A 154 -8.73 12.32 -11.07
C ILE A 154 -8.24 11.45 -12.25
N ARG A 155 -9.15 10.67 -12.84
CA ARG A 155 -8.82 9.85 -14.01
C ARG A 155 -8.25 10.73 -15.12
N GLN A 156 -8.97 11.83 -15.40
CA GLN A 156 -8.62 12.80 -16.46
C GLN A 156 -7.25 13.44 -16.25
N LYS A 157 -6.92 13.78 -15.01
CA LYS A 157 -5.66 14.47 -14.70
C LYS A 157 -4.43 13.55 -14.73
N VAL A 158 -4.56 12.33 -14.24
CA VAL A 158 -3.44 11.38 -14.32
C VAL A 158 -3.13 11.04 -15.78
N GLU A 159 -4.16 10.74 -16.56
CA GLU A 159 -4.00 10.41 -17.98
C GLU A 159 -3.29 11.51 -18.76
N LYS A 160 -3.61 12.77 -18.47
CA LYS A 160 -2.94 13.90 -19.10
C LYS A 160 -1.50 14.09 -18.60
N LEU A 161 -1.26 13.75 -17.34
CA LEU A 161 0.07 13.80 -16.73
C LEU A 161 1.02 12.83 -17.45
N ASP A 162 0.62 11.56 -17.53
CA ASP A 162 1.43 10.52 -18.19
C ASP A 162 1.40 10.67 -19.72
N ARG A 163 1.66 11.88 -20.20
CA ARG A 163 1.46 12.23 -21.61
C ARG A 163 2.45 11.58 -22.56
CO CO B . -1.31 3.81 -3.09
S H2S C . 0.96 3.79 -2.81
#